data_1NHW
#
_entry.id   1NHW
#
_cell.length_a   133.365
_cell.length_b   133.365
_cell.length_c   83.862
_cell.angle_alpha   90.00
_cell.angle_beta   90.00
_cell.angle_gamma   90.00
#
_symmetry.space_group_name_H-M   'P 43 21 2'
#
loop_
_entity.id
_entity.type
_entity.pdbx_description
1 polymer 'enoyl-acyl carrier reductase'
2 polymer 'enoyl-acyl carrier reductase'
3 non-polymer NICOTINAMIDE-ADENINE-DINUCLEOTIDE
4 non-polymer 2-(2,4-DICHLORO-PHENYLAMINO)-PHENOL
#
loop_
_entity_poly.entity_id
_entity_poly.type
_entity_poly.pdbx_seq_one_letter_code
_entity_poly.pdbx_strand_id
1 'polypeptide(L)'
;EDICFIAGIGDTNGYGWGIAKELSKRNVKIIFGIWPPVYNIFMKNYKNGKFDNDMIIDKDKKMNILDMLPFDASFDTAND
IDEETKNNKRYNMLQNYTIEDVANLIHQKYGKINMLVHSLANAKEVQKDLLNTSRKGYLDALSKSSYSLISLCKYFVNIM
KPQSSIISLTYHASQKVVPGYGGGMSSAKAALESDTRVLAYHLGRNYNIRINTISAGPLKSRAATAINK
;
A,B
2 'polypeptide(L)' YTFIDYAIEYSEKYAPLRQKLLSTDIGSVASFLLSRESRAITGQTIYVDNGLNIMFLPDD C,D
#
# COMPACT_ATOMS: atom_id res chain seq x y z
N GLU A 1 13.91 -18.78 3.91
CA GLU A 1 13.70 -19.34 5.29
C GLU A 1 12.71 -18.48 6.08
N ASP A 2 11.69 -17.98 5.40
CA ASP A 2 10.69 -17.12 6.06
C ASP A 2 9.72 -17.86 6.99
N ILE A 3 9.57 -17.31 8.20
CA ILE A 3 8.66 -17.86 9.21
C ILE A 3 7.77 -16.71 9.68
N CYS A 4 6.47 -16.94 9.71
CA CYS A 4 5.52 -15.93 10.15
C CYS A 4 4.63 -16.44 11.28
N PHE A 5 4.48 -15.64 12.32
CA PHE A 5 3.63 -16.02 13.43
C PHE A 5 2.35 -15.19 13.31
N ILE A 6 1.21 -15.87 13.29
CA ILE A 6 -0.07 -15.18 13.18
C ILE A 6 -0.83 -15.27 14.49
N ALA A 7 -0.94 -14.13 15.16
CA ALA A 7 -1.64 -14.05 16.44
C ALA A 7 -3.11 -13.70 16.23
N GLY A 8 -3.99 -14.69 16.35
CA GLY A 8 -5.40 -14.44 16.18
C GLY A 8 -6.16 -15.28 15.17
N ILE A 9 -6.38 -16.54 15.51
CA ILE A 9 -7.11 -17.44 14.64
C ILE A 9 -7.95 -18.38 15.49
N GLY A 10 -9.13 -18.69 14.99
CA GLY A 10 -10.03 -19.60 15.70
C GLY A 10 -10.77 -20.42 14.67
N ASP A 11 -10.67 -19.99 13.41
CA ASP A 11 -11.33 -20.66 12.30
C ASP A 11 -10.82 -20.15 10.96
N THR A 12 -11.28 -20.80 9.90
CA THR A 12 -10.88 -20.47 8.54
C THR A 12 -11.78 -19.44 7.88
N ASN A 13 -12.61 -18.76 8.66
CA ASN A 13 -13.52 -17.76 8.09
C ASN A 13 -13.15 -16.31 8.36
N GLY A 14 -11.96 -16.09 8.92
CA GLY A 14 -11.53 -14.75 9.22
C GLY A 14 -10.35 -14.29 8.38
N TYR A 15 -9.76 -13.16 8.78
CA TYR A 15 -8.62 -12.58 8.06
C TYR A 15 -7.31 -13.31 8.27
N GLY A 16 -7.11 -13.85 9.47
CA GLY A 16 -5.89 -14.58 9.74
C GLY A 16 -5.69 -15.71 8.75
N TRP A 17 -6.77 -16.44 8.49
CA TRP A 17 -6.71 -17.55 7.56
C TRP A 17 -6.35 -17.09 6.16
N GLY A 18 -7.05 -16.07 5.68
CA GLY A 18 -6.78 -15.55 4.35
C GLY A 18 -5.34 -15.10 4.19
N ILE A 19 -4.77 -14.55 5.25
CA ILE A 19 -3.39 -14.08 5.22
C ILE A 19 -2.45 -15.28 5.15
N ALA A 20 -2.76 -16.31 5.95
CA ALA A 20 -1.96 -17.52 5.98
C ALA A 20 -1.98 -18.19 4.61
N LYS A 21 -3.16 -18.27 4.00
CA LYS A 21 -3.27 -18.88 2.69
C LYS A 21 -2.35 -18.18 1.72
N GLU A 22 -2.50 -16.86 1.60
CA GLU A 22 -1.67 -16.09 0.70
C GLU A 22 -0.17 -16.18 0.97
N LEU A 23 0.23 -16.21 2.23
CA LEU A 23 1.65 -16.32 2.57
C LEU A 23 2.23 -17.67 2.11
N SER A 24 1.43 -18.73 2.21
CA SER A 24 1.86 -20.06 1.79
C SER A 24 2.20 -20.07 0.30
N LYS A 25 1.42 -19.32 -0.48
CA LYS A 25 1.66 -19.24 -1.92
C LYS A 25 3.12 -18.88 -2.14
N ARG A 26 3.67 -18.10 -1.21
CA ARG A 26 5.06 -17.65 -1.28
C ARG A 26 6.02 -18.49 -0.45
N ASN A 27 5.59 -19.71 -0.09
CA ASN A 27 6.39 -20.65 0.70
C ASN A 27 6.88 -20.15 2.06
N VAL A 28 6.04 -19.45 2.82
CA VAL A 28 6.48 -19.01 4.13
C VAL A 28 5.90 -19.95 5.18
N LYS A 29 6.74 -20.40 6.12
CA LYS A 29 6.31 -21.29 7.18
C LYS A 29 5.38 -20.52 8.08
N ILE A 30 4.25 -21.12 8.44
CA ILE A 30 3.26 -20.45 9.29
C ILE A 30 3.11 -21.07 10.67
N ILE A 31 3.02 -20.21 11.69
CA ILE A 31 2.80 -20.67 13.08
C ILE A 31 1.55 -19.93 13.58
N PHE A 32 0.52 -20.68 13.92
CA PHE A 32 -0.73 -20.09 14.41
C PHE A 32 -0.75 -19.88 15.91
N GLY A 33 -1.31 -18.75 16.34
CA GLY A 33 -1.43 -18.47 17.75
C GLY A 33 -2.91 -18.60 18.05
N ILE A 34 -3.31 -19.68 18.70
CA ILE A 34 -4.72 -19.93 19.00
C ILE A 34 -5.11 -19.63 20.44
N TRP A 35 -6.16 -18.84 20.59
CA TRP A 35 -6.68 -18.46 21.90
C TRP A 35 -7.07 -19.73 22.66
N PRO A 36 -6.51 -19.94 23.85
CA PRO A 36 -6.77 -21.11 24.69
C PRO A 36 -8.20 -21.68 24.69
N PRO A 37 -9.22 -20.82 24.92
CA PRO A 37 -10.61 -21.30 24.94
C PRO A 37 -11.03 -22.14 23.72
N VAL A 38 -10.53 -21.80 22.54
CA VAL A 38 -10.90 -22.53 21.34
C VAL A 38 -9.76 -23.38 20.76
N TYR A 39 -8.65 -23.46 21.48
CA TYR A 39 -7.51 -24.22 21.01
C TYR A 39 -7.81 -25.69 20.75
N ASN A 40 -8.34 -26.37 21.76
CA ASN A 40 -8.68 -27.80 21.65
C ASN A 40 -9.75 -28.08 20.62
N ILE A 41 -10.77 -27.24 20.55
CA ILE A 41 -11.81 -27.46 19.55
C ILE A 41 -11.15 -27.32 18.17
N PHE A 42 -10.28 -26.32 18.04
CA PHE A 42 -9.59 -26.07 16.77
C PHE A 42 -8.73 -27.27 16.35
N MET A 43 -7.97 -27.82 17.29
CA MET A 43 -7.12 -28.97 17.00
C MET A 43 -7.99 -30.14 16.59
N LYS A 44 -9.18 -30.23 17.18
CA LYS A 44 -10.11 -31.31 16.88
C LYS A 44 -10.51 -31.24 15.40
N ASN A 45 -11.01 -30.08 14.98
CA ASN A 45 -11.44 -29.90 13.61
C ASN A 45 -10.28 -30.05 12.64
N TYR A 46 -9.08 -29.72 13.10
CA TYR A 46 -7.89 -29.82 12.27
C TYR A 46 -7.55 -31.29 12.06
N LYS A 47 -7.61 -32.05 13.16
CA LYS A 47 -7.30 -33.48 13.14
C LYS A 47 -8.35 -34.30 12.38
N ASN A 48 -9.60 -33.86 12.43
CA ASN A 48 -10.68 -34.57 11.74
C ASN A 48 -10.78 -34.17 10.26
N GLY A 49 -9.75 -33.49 9.76
CA GLY A 49 -9.75 -33.08 8.37
C GLY A 49 -10.77 -32.02 8.00
N LYS A 50 -11.41 -31.43 9.00
CA LYS A 50 -12.42 -30.41 8.76
C LYS A 50 -11.91 -29.16 8.04
N PHE A 51 -10.59 -28.97 7.99
CA PHE A 51 -10.03 -27.80 7.33
C PHE A 51 -9.29 -28.15 6.03
N ASP A 52 -9.15 -29.44 5.75
CA ASP A 52 -8.42 -29.89 4.56
C ASP A 52 -8.70 -29.13 3.26
N ASN A 53 -9.96 -28.97 2.89
CA ASN A 53 -10.27 -28.24 1.65
C ASN A 53 -9.77 -26.80 1.73
N ASP A 54 -9.91 -26.22 2.91
CA ASP A 54 -9.50 -24.85 3.14
C ASP A 54 -7.98 -24.65 3.16
N MET A 55 -7.25 -25.75 3.11
CA MET A 55 -5.79 -25.67 3.12
C MET A 55 -5.18 -25.89 1.75
N ILE A 56 -6.02 -26.10 0.75
CA ILE A 56 -5.52 -26.31 -0.61
C ILE A 56 -5.21 -24.96 -1.26
N ILE A 57 -3.93 -24.72 -1.51
CA ILE A 57 -3.50 -23.48 -2.13
C ILE A 57 -3.61 -23.62 -3.63
N ASP A 58 -4.77 -23.24 -4.16
CA ASP A 58 -5.07 -23.29 -5.59
C ASP A 58 -4.13 -24.17 -6.41
N LYS A 59 -2.92 -23.66 -6.65
CA LYS A 59 -1.89 -24.34 -7.43
C LYS A 59 -1.47 -25.71 -6.90
N ASP A 60 -2.42 -26.55 -6.54
CA ASP A 60 -2.10 -27.88 -6.05
C ASP A 60 -1.23 -27.85 -4.78
N LYS A 61 -0.94 -26.66 -4.27
CA LYS A 61 -0.12 -26.53 -3.07
C LYS A 61 -0.93 -26.82 -1.80
N LYS A 62 -0.24 -27.23 -0.76
CA LYS A 62 -0.86 -27.52 0.53
C LYS A 62 -0.33 -26.49 1.50
N MET A 63 -1.21 -25.91 2.30
CA MET A 63 -0.81 -24.91 3.28
C MET A 63 0.16 -25.55 4.26
N ASN A 64 1.32 -24.94 4.43
CA ASN A 64 2.35 -25.48 5.31
C ASN A 64 2.36 -24.88 6.71
N ILE A 65 1.58 -25.48 7.60
CA ILE A 65 1.51 -25.03 8.97
C ILE A 65 2.64 -25.65 9.79
N LEU A 66 3.60 -24.83 10.17
CA LEU A 66 4.74 -25.29 10.95
C LEU A 66 4.30 -25.77 12.33
N ASP A 67 3.41 -25.02 12.97
CA ASP A 67 2.94 -25.35 14.30
C ASP A 67 1.68 -24.54 14.67
N MET A 68 1.07 -24.89 15.79
CA MET A 68 -0.13 -24.22 16.28
C MET A 68 -0.02 -24.21 17.79
N LEU A 69 -0.05 -23.02 18.39
CA LEU A 69 0.11 -22.94 19.83
C LEU A 69 -0.91 -22.11 20.57
N PRO A 70 -1.27 -22.54 21.79
CA PRO A 70 -2.25 -21.79 22.57
C PRO A 70 -1.60 -20.43 22.85
N PHE A 71 -2.38 -19.37 22.69
CA PHE A 71 -1.86 -18.02 22.86
C PHE A 71 -2.95 -17.05 23.30
N ASP A 72 -2.69 -16.36 24.42
CA ASP A 72 -3.64 -15.39 24.93
C ASP A 72 -2.91 -14.04 25.03
N ALA A 73 -3.36 -13.10 24.20
CA ALA A 73 -2.76 -11.76 24.13
C ALA A 73 -2.99 -10.88 25.35
N SER A 74 -3.80 -11.33 26.29
CA SER A 74 -4.06 -10.54 27.48
C SER A 74 -3.08 -10.80 28.63
N PHE A 75 -2.09 -11.66 28.39
CA PHE A 75 -1.08 -11.98 29.40
C PHE A 75 0.31 -11.78 28.82
N ASP A 76 1.09 -10.88 29.42
CA ASP A 76 2.45 -10.60 28.93
C ASP A 76 3.49 -11.63 29.37
N THR A 77 3.52 -11.91 30.67
CA THR A 77 4.45 -12.87 31.25
C THR A 77 3.72 -13.89 32.11
N ALA A 78 4.44 -14.93 32.50
CA ALA A 78 3.91 -16.00 33.32
C ALA A 78 3.24 -15.54 34.61
N ASN A 79 3.86 -14.62 35.34
CA ASN A 79 3.25 -14.17 36.58
C ASN A 79 2.21 -13.07 36.42
N ASP A 80 1.59 -13.01 35.24
CA ASP A 80 0.55 -12.02 34.97
C ASP A 80 -0.81 -12.69 35.05
N ILE A 81 -0.81 -14.02 35.06
CA ILE A 81 -2.05 -14.78 35.10
C ILE A 81 -2.66 -14.92 36.49
N ASP A 82 -3.92 -14.53 36.61
CA ASP A 82 -4.66 -14.59 37.87
C ASP A 82 -5.19 -15.99 38.18
N GLU A 83 -5.70 -16.16 39.39
CA GLU A 83 -6.24 -17.43 39.85
C GLU A 83 -7.44 -17.91 39.02
N GLU A 84 -8.39 -17.01 38.79
CA GLU A 84 -9.60 -17.33 38.04
C GLU A 84 -9.36 -18.07 36.72
N THR A 85 -8.30 -17.70 36.00
CA THR A 85 -7.99 -18.36 34.74
C THR A 85 -7.04 -19.53 34.98
N LYS A 86 -6.15 -19.37 35.95
CA LYS A 86 -5.19 -20.40 36.30
C LYS A 86 -5.91 -21.67 36.72
N ASN A 87 -7.20 -21.55 37.05
CA ASN A 87 -8.00 -22.69 37.48
C ASN A 87 -9.13 -22.97 36.49
N ASN A 88 -9.11 -22.30 35.34
CA ASN A 88 -10.14 -22.50 34.35
C ASN A 88 -9.95 -23.80 33.58
N LYS A 89 -11.00 -24.61 33.55
CA LYS A 89 -11.00 -25.90 32.86
C LYS A 89 -10.25 -25.90 31.54
N ARG A 90 -10.21 -24.74 30.87
CA ARG A 90 -9.54 -24.65 29.59
C ARG A 90 -8.04 -24.39 29.71
N TYR A 91 -7.67 -23.40 30.51
CA TYR A 91 -6.27 -23.05 30.70
C TYR A 91 -5.49 -24.02 31.60
N ASN A 92 -6.17 -25.03 32.11
CA ASN A 92 -5.53 -26.02 32.99
C ASN A 92 -4.54 -26.87 32.22
N MET A 93 -5.04 -27.70 31.31
CA MET A 93 -4.20 -28.58 30.52
C MET A 93 -3.27 -27.82 29.56
N LEU A 94 -3.03 -26.55 29.85
CA LEU A 94 -2.17 -25.73 29.01
C LEU A 94 -1.13 -24.94 29.80
N GLN A 95 -0.01 -24.69 29.15
CA GLN A 95 1.09 -23.94 29.74
C GLN A 95 1.83 -23.19 28.62
N ASN A 96 2.60 -22.19 29.00
CA ASN A 96 3.36 -21.40 28.02
C ASN A 96 2.49 -20.66 27.01
N TYR A 97 1.37 -20.08 27.45
CA TYR A 97 0.50 -19.37 26.54
C TYR A 97 0.51 -17.84 26.72
N THR A 98 1.53 -17.31 27.39
CA THR A 98 1.62 -15.88 27.55
C THR A 98 2.53 -15.38 26.43
N ILE A 99 2.45 -14.10 26.11
CA ILE A 99 3.24 -13.52 25.04
C ILE A 99 4.73 -13.84 25.16
N GLU A 100 5.32 -13.60 26.32
CA GLU A 100 6.73 -13.90 26.50
C GLU A 100 7.01 -15.39 26.35
N ASP A 101 6.08 -16.20 26.83
CA ASP A 101 6.24 -17.65 26.77
C ASP A 101 6.20 -18.22 25.37
N VAL A 102 5.30 -17.75 24.51
CA VAL A 102 5.26 -18.31 23.16
C VAL A 102 6.45 -17.83 22.33
N ALA A 103 6.93 -16.63 22.62
CA ALA A 103 8.09 -16.09 21.90
C ALA A 103 9.32 -16.93 22.24
N ASN A 104 9.45 -17.31 23.51
CA ASN A 104 10.58 -18.14 23.93
C ASN A 104 10.45 -19.54 23.30
N LEU A 105 9.22 -20.05 23.32
CA LEU A 105 8.88 -21.36 22.78
C LEU A 105 9.24 -21.41 21.28
N ILE A 106 8.76 -20.43 20.53
CA ILE A 106 9.04 -20.37 19.10
C ILE A 106 10.55 -20.28 18.85
N HIS A 107 11.19 -19.39 19.57
CA HIS A 107 12.62 -19.20 19.40
C HIS A 107 13.38 -20.48 19.65
N GLN A 108 12.97 -21.21 20.68
CA GLN A 108 13.61 -22.47 21.06
C GLN A 108 13.46 -23.56 20.01
N LYS A 109 12.24 -23.74 19.51
CA LYS A 109 11.95 -24.78 18.53
C LYS A 109 12.33 -24.49 17.08
N TYR A 110 12.16 -23.25 16.65
CA TYR A 110 12.42 -22.92 15.25
C TYR A 110 13.45 -21.82 14.99
N GLY A 111 13.92 -21.18 16.05
CA GLY A 111 14.88 -20.11 15.86
C GLY A 111 14.18 -18.79 15.64
N LYS A 112 14.86 -17.87 14.98
CA LYS A 112 14.30 -16.55 14.73
C LYS A 112 13.32 -16.50 13.57
N ILE A 113 12.33 -15.62 13.67
CA ILE A 113 11.34 -15.44 12.62
C ILE A 113 11.50 -14.04 12.02
N ASN A 114 10.77 -13.74 10.96
CA ASN A 114 10.90 -12.43 10.33
C ASN A 114 9.58 -11.86 9.83
N MET A 115 8.47 -12.39 10.35
CA MET A 115 7.15 -11.92 9.99
C MET A 115 6.18 -12.11 11.13
N LEU A 116 5.48 -11.04 11.49
CA LEU A 116 4.53 -11.11 12.59
C LEU A 116 3.19 -10.51 12.18
N VAL A 117 2.11 -11.21 12.49
CA VAL A 117 0.78 -10.73 12.17
C VAL A 117 -0.11 -10.64 13.40
N HIS A 118 -0.61 -9.44 13.66
CA HIS A 118 -1.50 -9.19 14.77
C HIS A 118 -2.91 -9.14 14.18
N SER A 119 -3.67 -10.21 14.37
CA SER A 119 -5.03 -10.27 13.82
C SER A 119 -6.05 -10.66 14.88
N LEU A 120 -6.00 -9.98 16.02
CA LEU A 120 -6.94 -10.26 17.10
C LEU A 120 -7.63 -8.98 17.59
N ALA A 121 -8.86 -9.15 18.08
CA ALA A 121 -9.63 -8.04 18.60
C ALA A 121 -10.71 -8.63 19.51
N ASN A 122 -10.98 -7.95 20.61
CA ASN A 122 -11.98 -8.43 21.55
C ASN A 122 -12.49 -7.27 22.39
N ALA A 123 -13.79 -7.28 22.68
CA ALA A 123 -14.41 -6.24 23.46
C ALA A 123 -15.66 -6.75 24.17
N LYS A 124 -15.58 -6.88 25.48
CA LYS A 124 -16.71 -7.34 26.28
C LYS A 124 -18.04 -6.66 25.95
N GLU A 125 -18.02 -5.33 25.88
CA GLU A 125 -19.24 -4.57 25.63
C GLU A 125 -19.42 -4.04 24.22
N VAL A 126 -18.88 -4.75 23.24
CA VAL A 126 -18.98 -4.33 21.84
C VAL A 126 -20.42 -4.08 21.37
N GLN A 127 -21.41 -4.58 22.10
CA GLN A 127 -22.80 -4.38 21.71
C GLN A 127 -23.36 -3.03 22.15
N LYS A 128 -22.83 -2.48 23.24
CA LYS A 128 -23.30 -1.19 23.74
C LYS A 128 -22.64 -0.06 22.97
N ASP A 129 -23.30 1.10 22.93
CA ASP A 129 -22.71 2.23 22.23
C ASP A 129 -21.64 2.87 23.15
N LEU A 130 -20.74 3.65 22.57
CA LEU A 130 -19.67 4.27 23.35
C LEU A 130 -20.11 4.88 24.67
N LEU A 131 -21.17 5.70 24.62
CA LEU A 131 -21.72 6.38 25.78
C LEU A 131 -22.12 5.46 26.94
N ASN A 132 -22.51 4.23 26.60
CA ASN A 132 -22.95 3.30 27.62
C ASN A 132 -21.94 2.21 27.96
N THR A 133 -20.70 2.39 27.51
CA THR A 133 -19.67 1.40 27.79
C THR A 133 -19.01 1.73 29.12
N SER A 134 -18.88 0.72 29.97
CA SER A 134 -18.27 0.90 31.28
C SER A 134 -16.75 1.06 31.18
N ARG A 135 -16.15 1.56 32.25
CA ARG A 135 -14.71 1.76 32.29
C ARG A 135 -14.05 0.41 32.13
N LYS A 136 -14.64 -0.62 32.73
CA LYS A 136 -14.11 -1.96 32.66
C LYS A 136 -14.09 -2.49 31.23
N GLY A 137 -15.22 -2.39 30.54
CA GLY A 137 -15.29 -2.88 29.18
C GLY A 137 -14.37 -2.11 28.24
N TYR A 138 -14.37 -0.79 28.37
CA TYR A 138 -13.54 0.08 27.54
C TYR A 138 -12.07 -0.30 27.65
N LEU A 139 -11.57 -0.45 28.87
CA LEU A 139 -10.17 -0.83 29.09
C LEU A 139 -9.89 -2.26 28.63
N ASP A 140 -10.87 -3.14 28.79
CA ASP A 140 -10.68 -4.52 28.34
C ASP A 140 -10.52 -4.55 26.82
N ALA A 141 -11.23 -3.66 26.14
CA ALA A 141 -11.17 -3.59 24.69
C ALA A 141 -9.79 -3.07 24.25
N LEU A 142 -9.28 -2.07 24.95
CA LEU A 142 -7.99 -1.50 24.60
C LEU A 142 -6.84 -2.40 25.02
N SER A 143 -7.03 -3.17 26.09
CA SER A 143 -6.01 -4.10 26.58
C SER A 143 -5.84 -5.22 25.57
N LYS A 144 -6.94 -5.91 25.26
CA LYS A 144 -6.91 -7.01 24.31
C LYS A 144 -6.64 -6.62 22.85
N SER A 145 -7.26 -5.52 22.39
CA SER A 145 -7.12 -5.11 21.00
C SER A 145 -6.01 -4.14 20.61
N SER A 146 -5.54 -3.34 21.56
CA SER A 146 -4.51 -2.36 21.27
C SER A 146 -3.15 -2.63 21.91
N TYR A 147 -3.12 -2.68 23.24
CA TYR A 147 -1.86 -2.90 23.93
C TYR A 147 -1.20 -4.19 23.53
N SER A 148 -2.02 -5.19 23.20
CA SER A 148 -1.52 -6.50 22.80
C SER A 148 -0.51 -6.38 21.66
N LEU A 149 -0.66 -5.36 20.82
CA LEU A 149 0.26 -5.15 19.69
C LEU A 149 1.61 -4.69 20.20
N ILE A 150 1.58 -3.76 21.15
CA ILE A 150 2.80 -3.22 21.73
C ILE A 150 3.55 -4.34 22.45
N SER A 151 2.83 -5.12 23.24
CA SER A 151 3.46 -6.21 23.96
C SER A 151 4.05 -7.23 22.99
N LEU A 152 3.33 -7.54 21.92
CA LEU A 152 3.83 -8.48 20.93
C LEU A 152 5.19 -8.02 20.41
N CYS A 153 5.26 -6.74 20.04
CA CYS A 153 6.49 -6.19 19.50
C CYS A 153 7.62 -6.21 20.51
N LYS A 154 7.32 -5.79 21.74
CA LYS A 154 8.33 -5.77 22.79
C LYS A 154 9.00 -7.12 23.01
N TYR A 155 8.22 -8.19 23.03
CA TYR A 155 8.78 -9.51 23.26
C TYR A 155 9.28 -10.26 22.05
N PHE A 156 8.66 -10.03 20.89
CA PHE A 156 9.07 -10.73 19.68
C PHE A 156 10.23 -10.09 18.95
N VAL A 157 10.51 -8.83 19.24
CA VAL A 157 11.61 -8.17 18.56
C VAL A 157 12.93 -8.87 18.88
N ASN A 158 12.97 -9.59 19.99
CA ASN A 158 14.16 -10.33 20.40
C ASN A 158 14.40 -11.59 19.60
N ILE A 159 13.32 -12.14 19.02
CA ILE A 159 13.44 -13.35 18.22
C ILE A 159 13.22 -13.05 16.74
N MET A 160 13.32 -11.78 16.35
CA MET A 160 13.14 -11.39 14.95
C MET A 160 14.43 -10.89 14.32
N LYS A 161 14.60 -11.16 13.03
CA LYS A 161 15.79 -10.74 12.31
C LYS A 161 15.66 -9.29 11.87
N PRO A 162 16.79 -8.63 11.56
CA PRO A 162 16.70 -7.23 11.13
C PRO A 162 15.93 -7.19 9.81
N GLN A 163 15.17 -6.13 9.59
CA GLN A 163 14.39 -5.99 8.36
C GLN A 163 13.14 -6.88 8.36
N SER A 164 12.70 -7.28 9.53
CA SER A 164 11.50 -8.09 9.66
C SER A 164 10.33 -7.15 9.47
N SER A 165 9.14 -7.69 9.25
CA SER A 165 7.97 -6.86 9.02
C SER A 165 6.82 -7.30 9.92
N ILE A 166 6.01 -6.32 10.34
CA ILE A 166 4.86 -6.55 11.22
C ILE A 166 3.63 -5.81 10.69
N ILE A 167 2.46 -6.44 10.82
CA ILE A 167 1.23 -5.78 10.40
C ILE A 167 0.13 -6.12 11.39
N SER A 168 -0.96 -5.34 11.35
CA SER A 168 -2.10 -5.58 12.19
C SER A 168 -3.31 -5.19 11.35
N LEU A 169 -4.51 -5.47 11.86
CA LEU A 169 -5.73 -5.16 11.15
C LEU A 169 -6.51 -4.08 11.89
N THR A 170 -7.01 -3.10 11.15
CA THR A 170 -7.76 -2.03 11.78
C THR A 170 -9.01 -1.78 10.96
N TYR A 171 -9.85 -0.86 11.43
CA TYR A 171 -11.10 -0.55 10.74
C TYR A 171 -11.36 0.95 10.73
N HIS A 172 -11.94 1.44 9.64
CA HIS A 172 -12.24 2.86 9.45
C HIS A 172 -13.12 3.51 10.52
N ALA A 173 -13.70 2.71 11.41
CA ALA A 173 -14.53 3.28 12.48
C ALA A 173 -13.70 4.20 13.37
N SER A 174 -12.39 4.07 13.28
CA SER A 174 -11.48 4.88 14.07
C SER A 174 -11.43 6.33 13.59
N GLN A 175 -11.63 6.52 12.29
CA GLN A 175 -11.58 7.85 11.66
C GLN A 175 -12.94 8.48 11.41
N LYS A 176 -13.95 7.66 11.14
CA LYS A 176 -15.29 8.14 10.88
C LYS A 176 -16.27 7.31 11.71
N VAL A 177 -17.35 7.93 12.14
CA VAL A 177 -18.30 7.23 12.98
C VAL A 177 -19.22 6.27 12.26
N VAL A 178 -19.19 5.02 12.71
CA VAL A 178 -20.07 3.99 12.18
C VAL A 178 -20.81 3.46 13.41
N PRO A 179 -22.11 3.74 13.51
CA PRO A 179 -22.95 3.29 14.63
C PRO A 179 -23.01 1.77 14.65
N GLY A 180 -22.94 1.19 15.83
CA GLY A 180 -22.98 -0.26 15.93
C GLY A 180 -21.62 -0.83 16.27
N TYR A 181 -20.57 -0.07 16.02
CA TYR A 181 -19.21 -0.51 16.32
C TYR A 181 -18.85 0.04 17.70
N GLY A 182 -19.49 -0.50 18.73
CA GLY A 182 -19.28 0.00 20.07
C GLY A 182 -18.35 -0.77 20.99
N GLY A 183 -18.55 -0.56 22.30
CA GLY A 183 -17.74 -1.24 23.29
C GLY A 183 -16.33 -0.70 23.42
N GLY A 184 -16.04 0.39 22.72
CA GLY A 184 -14.72 0.96 22.77
C GLY A 184 -13.82 0.38 21.69
N MET A 185 -14.40 -0.32 20.72
CA MET A 185 -13.60 -0.89 19.64
C MET A 185 -13.08 0.18 18.69
N SER A 186 -13.87 1.21 18.46
CA SER A 186 -13.44 2.30 17.58
C SER A 186 -12.28 3.03 18.26
N SER A 187 -12.37 3.16 19.59
CA SER A 187 -11.33 3.82 20.39
C SER A 187 -10.04 3.02 20.31
N ALA A 188 -10.17 1.71 20.43
CA ALA A 188 -9.02 0.81 20.40
C ALA A 188 -8.34 0.84 19.03
N LYS A 189 -9.13 0.90 17.97
CA LYS A 189 -8.57 0.93 16.63
C LYS A 189 -7.87 2.27 16.38
N ALA A 190 -8.41 3.34 16.94
CA ALA A 190 -7.83 4.66 16.77
C ALA A 190 -6.47 4.66 17.44
N ALA A 191 -6.39 3.97 18.59
CA ALA A 191 -5.14 3.89 19.33
C ALA A 191 -4.16 3.00 18.57
N LEU A 192 -4.65 1.89 18.03
CA LEU A 192 -3.80 0.97 17.29
C LEU A 192 -3.15 1.65 16.08
N GLU A 193 -3.89 2.53 15.42
CA GLU A 193 -3.36 3.23 14.25
C GLU A 193 -2.31 4.26 14.66
N SER A 194 -2.52 4.90 15.79
CA SER A 194 -1.57 5.89 16.29
C SER A 194 -0.31 5.18 16.77
N ASP A 195 -0.49 4.09 17.52
CA ASP A 195 0.65 3.33 18.04
C ASP A 195 1.51 2.77 16.91
N THR A 196 0.86 2.41 15.79
CA THR A 196 1.57 1.89 14.63
C THR A 196 2.59 2.92 14.17
N ARG A 197 2.21 4.20 14.19
CA ARG A 197 3.12 5.25 13.76
C ARG A 197 4.28 5.35 14.75
N VAL A 198 3.96 5.43 16.03
CA VAL A 198 4.96 5.55 17.07
C VAL A 198 5.90 4.36 17.09
N LEU A 199 5.34 3.15 17.02
CA LEU A 199 6.15 1.95 17.00
C LEU A 199 7.04 1.95 15.76
N ALA A 200 6.52 2.46 14.65
CA ALA A 200 7.29 2.52 13.43
C ALA A 200 8.57 3.31 13.71
N TYR A 201 8.43 4.38 14.47
CA TYR A 201 9.58 5.20 14.81
C TYR A 201 10.59 4.40 15.64
N HIS A 202 10.15 3.84 16.75
CA HIS A 202 11.04 3.06 17.61
C HIS A 202 11.60 1.80 16.95
N LEU A 203 10.75 1.00 16.34
CA LEU A 203 11.20 -0.22 15.67
C LEU A 203 12.07 0.06 14.46
N GLY A 204 11.79 1.14 13.76
CA GLY A 204 12.57 1.47 12.58
C GLY A 204 13.96 1.97 12.93
N ARG A 205 14.06 2.84 13.92
CA ARG A 205 15.33 3.41 14.33
C ARG A 205 16.23 2.42 15.07
N ASN A 206 15.66 1.68 16.01
CA ASN A 206 16.44 0.75 16.82
C ASN A 206 16.70 -0.64 16.26
N TYR A 207 15.77 -1.19 15.50
CA TYR A 207 15.95 -2.55 14.97
C TYR A 207 15.82 -2.66 13.47
N ASN A 208 15.50 -1.56 12.80
CA ASN A 208 15.35 -1.60 11.35
C ASN A 208 14.20 -2.57 10.99
N ILE A 209 13.15 -2.54 11.79
CA ILE A 209 12.01 -3.38 11.56
C ILE A 209 10.85 -2.48 11.14
N ARG A 210 9.99 -2.97 10.25
CA ARG A 210 8.86 -2.18 9.79
C ARG A 210 7.57 -2.67 10.41
N ILE A 211 6.62 -1.77 10.52
CA ILE A 211 5.31 -2.10 11.07
C ILE A 211 4.27 -1.23 10.35
N ASN A 212 3.19 -1.87 9.90
CA ASN A 212 2.12 -1.20 9.19
C ASN A 212 0.80 -1.80 9.68
N THR A 213 -0.31 -1.19 9.29
CA THR A 213 -1.60 -1.71 9.68
C THR A 213 -2.49 -1.65 8.45
N ILE A 214 -3.34 -2.67 8.28
CA ILE A 214 -4.25 -2.75 7.15
C ILE A 214 -5.68 -2.46 7.59
N SER A 215 -6.30 -1.45 7.01
CA SER A 215 -7.67 -1.13 7.33
C SER A 215 -8.51 -1.89 6.31
N ALA A 216 -9.14 -2.98 6.76
CA ALA A 216 -9.93 -3.83 5.88
C ALA A 216 -11.41 -3.49 5.79
N GLY A 217 -12.02 -3.95 4.71
CA GLY A 217 -13.43 -3.75 4.49
C GLY A 217 -14.19 -4.86 5.22
N PRO A 218 -15.53 -4.86 5.20
CA PRO A 218 -16.29 -5.90 5.88
C PRO A 218 -16.00 -7.30 5.40
N LEU A 219 -16.14 -8.25 6.31
CA LEU A 219 -15.91 -9.67 6.01
C LEU A 219 -16.74 -10.46 7.00
N LYS A 220 -17.58 -11.36 6.50
CA LYS A 220 -18.42 -12.16 7.39
C LYS A 220 -17.60 -13.24 8.12
N SER A 221 -17.08 -12.87 9.29
CA SER A 221 -16.27 -13.77 10.11
C SER A 221 -17.00 -14.03 11.42
N ARG A 222 -16.51 -15.01 12.20
CA ARG A 222 -17.14 -15.35 13.47
C ARG A 222 -17.33 -14.17 14.41
N ALA A 223 -16.24 -13.46 14.67
CA ALA A 223 -16.26 -12.31 15.57
C ALA A 223 -17.05 -11.13 14.98
N ALA A 224 -17.27 -11.17 13.66
CA ALA A 224 -18.01 -10.12 12.98
C ALA A 224 -19.51 -10.24 13.25
N THR A 225 -19.96 -11.48 13.40
CA THR A 225 -21.38 -11.75 13.67
C THR A 225 -21.67 -11.39 15.13
N ALA A 226 -20.63 -11.41 15.95
CA ALA A 226 -20.75 -11.09 17.37
C ALA A 226 -21.28 -9.68 17.61
N ILE A 227 -20.99 -8.76 16.68
CA ILE A 227 -21.45 -7.38 16.80
C ILE A 227 -22.96 -7.32 16.57
N ASN A 228 -23.72 -7.05 17.64
CA ASN A 228 -25.17 -6.98 17.53
C ASN A 228 -25.68 -5.55 17.50
N LYS A 229 -26.17 -5.14 16.32
CA LYS A 229 -26.73 -3.79 16.14
C LYS A 229 -27.43 -3.69 14.78
N GLU B 1 0.14 -11.71 -21.06
CA GLU B 1 0.67 -10.60 -21.91
C GLU B 1 0.43 -9.21 -21.30
N ASP B 2 1.23 -8.87 -20.29
CA ASP B 2 1.10 -7.58 -19.63
C ASP B 2 1.83 -6.47 -20.39
N ILE B 3 1.09 -5.40 -20.69
CA ILE B 3 1.67 -4.27 -21.39
C ILE B 3 1.50 -3.00 -20.55
N CYS B 4 2.59 -2.26 -20.36
CA CYS B 4 2.51 -1.04 -19.58
C CYS B 4 3.04 0.18 -20.34
N PHE B 5 2.30 1.28 -20.25
CA PHE B 5 2.73 2.52 -20.87
C PHE B 5 3.19 3.45 -19.76
N ILE B 6 4.47 3.83 -19.80
CA ILE B 6 5.03 4.72 -18.80
C ILE B 6 5.20 6.10 -19.42
N ALA B 7 4.35 7.03 -19.00
CA ALA B 7 4.39 8.39 -19.52
C ALA B 7 5.24 9.32 -18.64
N GLY B 8 6.41 9.69 -19.15
CA GLY B 8 7.28 10.57 -18.40
C GLY B 8 8.64 9.96 -18.10
N ILE B 9 9.44 9.76 -19.13
CA ILE B 9 10.79 9.23 -18.97
C ILE B 9 11.71 10.02 -19.86
N GLY B 10 12.69 10.68 -19.26
CA GLY B 10 13.62 11.47 -20.05
C GLY B 10 15.05 10.99 -19.89
N ASP B 11 15.27 10.13 -18.91
CA ASP B 11 16.59 9.58 -18.61
C ASP B 11 16.43 8.42 -17.63
N THR B 12 17.52 7.97 -17.05
CA THR B 12 17.45 6.85 -16.10
C THR B 12 17.55 7.30 -14.64
N ASN B 13 17.64 8.60 -14.41
CA ASN B 13 17.76 9.13 -13.06
C ASN B 13 16.46 9.39 -12.31
N GLY B 14 15.32 9.14 -12.96
CA GLY B 14 14.04 9.39 -12.32
C GLY B 14 13.29 8.17 -11.82
N TYR B 15 12.04 8.39 -11.40
CA TYR B 15 11.19 7.32 -10.91
C TYR B 15 10.61 6.48 -12.04
N GLY B 16 10.36 7.13 -13.17
CA GLY B 16 9.81 6.41 -14.30
C GLY B 16 10.70 5.22 -14.66
N TRP B 17 12.01 5.41 -14.52
CA TRP B 17 12.96 4.34 -14.83
C TRP B 17 12.99 3.22 -13.78
N GLY B 18 12.95 3.59 -12.51
CA GLY B 18 12.94 2.58 -11.48
C GLY B 18 11.67 1.75 -11.59
N ILE B 19 10.59 2.38 -12.02
CA ILE B 19 9.33 1.68 -12.18
C ILE B 19 9.48 0.70 -13.35
N ALA B 20 10.01 1.21 -14.47
CA ALA B 20 10.21 0.39 -15.65
C ALA B 20 11.05 -0.84 -15.31
N LYS B 21 12.16 -0.60 -14.63
CA LYS B 21 13.07 -1.67 -14.24
C LYS B 21 12.34 -2.75 -13.43
N GLU B 22 11.62 -2.34 -12.39
CA GLU B 22 10.89 -3.28 -11.55
C GLU B 22 9.78 -4.04 -12.27
N LEU B 23 9.15 -3.41 -13.24
CA LEU B 23 8.09 -4.08 -13.98
C LEU B 23 8.70 -5.16 -14.84
N SER B 24 9.92 -4.92 -15.31
CA SER B 24 10.61 -5.89 -16.15
C SER B 24 10.91 -7.17 -15.38
N LYS B 25 11.15 -7.06 -14.08
CA LYS B 25 11.41 -8.25 -13.28
C LYS B 25 10.20 -9.17 -13.40
N ARG B 26 9.01 -8.59 -13.49
CA ARG B 26 7.78 -9.39 -13.61
C ARG B 26 7.41 -9.70 -15.06
N ASN B 27 8.35 -9.43 -15.97
CA ASN B 27 8.15 -9.70 -17.39
C ASN B 27 6.98 -8.97 -18.06
N VAL B 28 6.80 -7.70 -17.76
CA VAL B 28 5.71 -6.97 -18.41
C VAL B 28 6.37 -6.13 -19.51
N LYS B 29 5.73 -6.06 -20.68
CA LYS B 29 6.29 -5.27 -21.78
C LYS B 29 6.11 -3.80 -21.46
N ILE B 30 7.18 -3.03 -21.65
CA ILE B 30 7.18 -1.60 -21.36
C ILE B 30 7.19 -0.71 -22.58
N ILE B 31 6.30 0.28 -22.61
CA ILE B 31 6.26 1.26 -23.69
C ILE B 31 6.56 2.62 -23.07
N PHE B 32 7.66 3.26 -23.48
CA PHE B 32 8.03 4.57 -22.95
C PHE B 32 7.36 5.70 -23.72
N GLY B 33 7.01 6.76 -23.00
CA GLY B 33 6.41 7.94 -23.61
C GLY B 33 7.37 9.08 -23.29
N ILE B 34 8.20 9.46 -24.28
CA ILE B 34 9.20 10.50 -24.08
C ILE B 34 8.77 11.89 -24.54
N TRP B 35 9.10 12.91 -23.75
CA TRP B 35 8.78 14.29 -24.09
C TRP B 35 9.66 14.67 -25.29
N PRO B 36 9.06 15.19 -26.38
CA PRO B 36 9.78 15.59 -27.59
C PRO B 36 11.07 16.39 -27.41
N PRO B 37 11.08 17.37 -26.50
CA PRO B 37 12.31 18.15 -26.29
C PRO B 37 13.54 17.30 -26.02
N VAL B 38 13.37 16.18 -25.32
CA VAL B 38 14.49 15.29 -24.99
C VAL B 38 14.39 13.91 -25.66
N TYR B 39 13.54 13.79 -26.66
CA TYR B 39 13.34 12.52 -27.35
C TYR B 39 14.57 12.04 -28.13
N ASN B 40 15.21 12.94 -28.85
CA ASN B 40 16.38 12.58 -29.62
C ASN B 40 17.58 12.31 -28.72
N ILE B 41 17.73 13.08 -27.65
CA ILE B 41 18.85 12.89 -26.75
C ILE B 41 18.72 11.51 -26.10
N PHE B 42 17.50 11.14 -25.75
CA PHE B 42 17.25 9.84 -25.14
C PHE B 42 17.57 8.73 -26.14
N MET B 43 16.97 8.79 -27.32
CA MET B 43 17.19 7.79 -28.37
C MET B 43 18.66 7.65 -28.70
N LYS B 44 19.36 8.77 -28.76
CA LYS B 44 20.79 8.77 -29.06
C LYS B 44 21.55 7.98 -28.00
N ASN B 45 21.52 8.47 -26.77
CA ASN B 45 22.21 7.80 -25.67
C ASN B 45 21.84 6.33 -25.55
N TYR B 46 20.63 5.99 -25.98
CA TYR B 46 20.16 4.61 -25.92
C TYR B 46 20.86 3.76 -26.97
N LYS B 47 20.84 4.23 -28.22
CA LYS B 47 21.47 3.52 -29.32
C LYS B 47 22.97 3.41 -29.12
N ASN B 48 23.59 4.49 -28.64
CA ASN B 48 25.03 4.48 -28.41
C ASN B 48 25.39 3.66 -27.19
N GLY B 49 24.44 2.86 -26.74
CA GLY B 49 24.65 2.00 -25.58
C GLY B 49 25.11 2.70 -24.32
N LYS B 50 24.50 3.83 -23.99
CA LYS B 50 24.89 4.56 -22.79
C LYS B 50 23.95 4.24 -21.63
N PHE B 51 22.97 3.37 -21.89
CA PHE B 51 22.02 2.97 -20.86
C PHE B 51 22.07 1.47 -20.56
N ASP B 52 22.84 0.73 -21.36
CA ASP B 52 22.97 -0.72 -21.19
C ASP B 52 23.25 -1.14 -19.76
N ASN B 53 24.05 -0.32 -19.07
CA ASN B 53 24.39 -0.60 -17.69
C ASN B 53 23.12 -0.54 -16.86
N ASP B 54 22.37 0.54 -17.04
CA ASP B 54 21.12 0.77 -16.31
C ASP B 54 20.00 -0.20 -16.67
N MET B 55 20.11 -0.91 -17.78
CA MET B 55 19.08 -1.86 -18.17
C MET B 55 19.31 -3.25 -17.60
N ILE B 56 20.27 -3.36 -16.70
CA ILE B 56 20.60 -4.62 -16.05
C ILE B 56 19.69 -4.83 -14.84
N ILE B 57 18.95 -5.93 -14.84
CA ILE B 57 18.05 -6.23 -13.75
C ILE B 57 18.71 -7.25 -12.81
N ASP B 58 20.00 -7.01 -12.54
CA ASP B 58 20.79 -7.88 -11.66
C ASP B 58 20.81 -9.34 -12.09
N LYS B 59 19.69 -10.02 -11.90
CA LYS B 59 19.54 -11.43 -12.25
C LYS B 59 19.73 -11.70 -13.73
N ASP B 60 20.78 -11.15 -14.32
CA ASP B 60 21.08 -11.36 -15.73
C ASP B 60 19.96 -10.81 -16.62
N LYS B 61 18.82 -10.52 -16.02
CA LYS B 61 17.68 -9.99 -16.77
C LYS B 61 18.04 -8.68 -17.45
N LYS B 62 17.72 -8.58 -18.73
CA LYS B 62 17.98 -7.36 -19.49
C LYS B 62 16.64 -6.66 -19.63
N MET B 63 16.60 -5.37 -19.31
CA MET B 63 15.36 -4.62 -19.38
C MET B 63 14.78 -4.69 -20.80
N ASN B 64 13.58 -5.22 -20.93
CA ASN B 64 12.95 -5.35 -22.25
C ASN B 64 11.96 -4.22 -22.58
N ILE B 65 12.41 -3.31 -23.43
CA ILE B 65 11.61 -2.16 -23.85
C ILE B 65 10.90 -2.43 -25.16
N LEU B 66 9.56 -2.50 -25.10
CA LEU B 66 8.75 -2.77 -26.28
C LEU B 66 8.81 -1.65 -27.33
N ASP B 67 8.67 -0.41 -26.89
CA ASP B 67 8.68 0.71 -27.82
C ASP B 67 9.03 2.03 -27.11
N MET B 68 9.34 3.05 -27.89
CA MET B 68 9.67 4.37 -27.36
C MET B 68 9.04 5.39 -28.28
N LEU B 69 8.00 6.06 -27.78
CA LEU B 69 7.26 7.02 -28.58
C LEU B 69 7.30 8.44 -28.04
N PRO B 70 7.30 9.43 -28.94
CA PRO B 70 7.32 10.82 -28.48
C PRO B 70 5.93 11.08 -27.92
N PHE B 71 5.85 11.85 -26.85
CA PHE B 71 4.57 12.11 -26.20
C PHE B 71 4.60 13.43 -25.42
N ASP B 72 3.58 14.25 -25.62
CA ASP B 72 3.50 15.52 -24.89
C ASP B 72 2.13 15.60 -24.23
N ALA B 73 2.14 15.51 -22.90
CA ALA B 73 0.93 15.52 -22.09
C ALA B 73 0.14 16.83 -22.07
N SER B 74 0.68 17.89 -22.68
CA SER B 74 -0.05 19.15 -22.69
C SER B 74 -1.00 19.25 -23.88
N PHE B 75 -0.95 18.27 -24.79
CA PHE B 75 -1.84 18.26 -25.95
C PHE B 75 -2.75 17.03 -25.98
N ASP B 76 -4.06 17.27 -25.92
CA ASP B 76 -5.03 16.18 -25.93
C ASP B 76 -5.23 15.59 -27.32
N THR B 77 -5.43 16.45 -28.32
CA THR B 77 -5.61 16.00 -29.70
C THR B 77 -4.73 16.80 -30.62
N ALA B 78 -4.63 16.34 -31.86
CA ALA B 78 -3.82 17.00 -32.87
C ALA B 78 -4.14 18.46 -33.08
N ASN B 79 -5.42 18.84 -33.13
CA ASN B 79 -5.70 20.25 -33.34
C ASN B 79 -5.56 21.11 -32.09
N ASP B 80 -4.99 20.54 -31.03
CA ASP B 80 -4.75 21.29 -29.80
C ASP B 80 -3.34 21.87 -29.82
N ILE B 81 -2.51 21.38 -30.74
CA ILE B 81 -1.14 21.86 -30.80
C ILE B 81 -1.07 23.18 -31.55
N ASP B 82 -0.36 24.15 -30.97
CA ASP B 82 -0.22 25.47 -31.55
C ASP B 82 0.84 25.51 -32.64
N GLU B 83 0.64 26.40 -33.61
CA GLU B 83 1.55 26.57 -34.73
C GLU B 83 3.02 26.70 -34.33
N GLU B 84 3.28 27.35 -33.20
CA GLU B 84 4.65 27.52 -32.76
C GLU B 84 5.34 26.19 -32.48
N THR B 85 4.83 25.42 -31.53
CA THR B 85 5.44 24.14 -31.20
C THR B 85 5.34 23.17 -32.38
N LYS B 86 4.33 23.38 -33.22
CA LYS B 86 4.13 22.52 -34.39
C LYS B 86 5.33 22.62 -35.33
N ASN B 87 5.91 23.82 -35.42
CA ASN B 87 7.07 24.04 -36.27
C ASN B 87 8.39 24.09 -35.50
N ASN B 88 8.33 23.89 -34.19
CA ASN B 88 9.55 23.94 -33.38
C ASN B 88 10.57 22.91 -33.87
N LYS B 89 11.83 23.28 -33.74
CA LYS B 89 12.95 22.44 -34.13
C LYS B 89 12.78 20.99 -33.65
N ARG B 90 12.54 20.82 -32.36
CA ARG B 90 12.40 19.49 -31.75
C ARG B 90 11.10 18.75 -32.06
N TYR B 91 10.09 19.47 -32.55
CA TYR B 91 8.80 18.84 -32.86
C TYR B 91 8.54 18.57 -34.35
N ASN B 92 9.09 19.42 -35.21
CA ASN B 92 8.93 19.31 -36.66
C ASN B 92 9.02 17.90 -37.24
N MET B 93 10.07 17.16 -36.89
CA MET B 93 10.28 15.81 -37.40
C MET B 93 9.51 14.70 -36.69
N LEU B 94 8.58 15.05 -35.81
CA LEU B 94 7.82 14.05 -35.07
C LEU B 94 6.32 14.16 -35.34
N GLN B 95 5.59 13.11 -34.99
CA GLN B 95 4.13 13.09 -35.18
C GLN B 95 3.42 12.10 -34.28
N ASN B 96 2.11 12.26 -34.14
CA ASN B 96 1.29 11.41 -33.29
C ASN B 96 1.80 11.40 -31.87
N TYR B 97 2.12 12.58 -31.34
CA TYR B 97 2.64 12.67 -29.98
C TYR B 97 1.64 13.22 -28.96
N THR B 98 0.43 13.57 -29.38
CA THR B 98 -0.57 14.08 -28.46
C THR B 98 -1.15 12.89 -27.70
N ILE B 99 -1.93 13.17 -26.66
CA ILE B 99 -2.51 12.10 -25.86
C ILE B 99 -3.41 11.17 -26.69
N GLU B 100 -4.32 11.74 -27.47
CA GLU B 100 -5.21 10.92 -28.28
C GLU B 100 -4.43 10.11 -29.32
N ASP B 101 -3.44 10.73 -29.95
CA ASP B 101 -2.65 10.04 -30.97
C ASP B 101 -1.80 8.86 -30.46
N VAL B 102 -1.23 8.97 -29.26
CA VAL B 102 -0.42 7.86 -28.74
C VAL B 102 -1.32 6.70 -28.34
N ALA B 103 -2.53 7.00 -27.87
CA ALA B 103 -3.47 5.97 -27.48
C ALA B 103 -3.83 5.17 -28.74
N ASN B 104 -4.27 5.88 -29.79
CA ASN B 104 -4.62 5.22 -31.03
C ASN B 104 -3.43 4.44 -31.59
N LEU B 105 -2.25 5.04 -31.47
CA LEU B 105 -1.02 4.42 -31.96
C LEU B 105 -0.71 3.10 -31.25
N ILE B 106 -0.81 3.09 -29.92
CA ILE B 106 -0.53 1.90 -29.15
C ILE B 106 -1.59 0.82 -29.39
N HIS B 107 -2.82 1.27 -29.64
CA HIS B 107 -3.91 0.34 -29.88
C HIS B 107 -3.73 -0.44 -31.18
N GLN B 108 -3.25 0.24 -32.22
CA GLN B 108 -3.04 -0.38 -33.52
C GLN B 108 -1.94 -1.43 -33.50
N LYS B 109 -0.77 -1.07 -32.99
CA LYS B 109 0.35 -1.99 -32.97
C LYS B 109 0.26 -3.12 -31.95
N TYR B 110 -0.26 -2.83 -30.76
CA TYR B 110 -0.30 -3.84 -29.71
C TYR B 110 -1.67 -4.19 -29.14
N GLY B 111 -2.69 -3.46 -29.55
CA GLY B 111 -4.02 -3.73 -29.02
C GLY B 111 -4.18 -3.16 -27.62
N LYS B 112 -5.14 -3.70 -26.87
CA LYS B 112 -5.40 -3.25 -25.51
C LYS B 112 -4.26 -3.52 -24.54
N ILE B 113 -4.01 -2.57 -23.65
CA ILE B 113 -2.98 -2.74 -22.63
C ILE B 113 -3.70 -2.82 -21.29
N ASN B 114 -2.98 -3.06 -20.20
CA ASN B 114 -3.62 -3.19 -18.90
C ASN B 114 -2.94 -2.45 -17.74
N MET B 115 -1.91 -1.67 -18.05
CA MET B 115 -1.19 -0.91 -17.04
C MET B 115 -0.79 0.43 -17.60
N LEU B 116 -1.03 1.48 -16.82
CA LEU B 116 -0.69 2.83 -17.23
C LEU B 116 0.00 3.57 -16.08
N VAL B 117 1.12 4.22 -16.38
CA VAL B 117 1.86 4.97 -15.37
C VAL B 117 2.00 6.44 -15.73
N HIS B 118 1.55 7.31 -14.83
CA HIS B 118 1.66 8.75 -15.03
C HIS B 118 2.88 9.19 -14.20
N SER B 119 4.00 9.40 -14.88
CA SER B 119 5.24 9.76 -14.20
C SER B 119 5.79 11.12 -14.64
N LEU B 120 4.92 12.12 -14.78
CA LEU B 120 5.35 13.43 -15.22
C LEU B 120 4.80 14.60 -14.43
N ALA B 121 5.52 15.72 -14.51
CA ALA B 121 5.14 16.95 -13.83
C ALA B 121 5.95 18.07 -14.46
N ASN B 122 5.39 19.26 -14.50
CA ASN B 122 6.09 20.41 -15.05
C ASN B 122 5.48 21.71 -14.56
N ALA B 123 6.33 22.72 -14.38
CA ALA B 123 5.91 24.02 -13.89
C ALA B 123 6.98 25.05 -14.28
N LYS B 124 6.55 26.08 -15.00
CA LYS B 124 7.46 27.12 -15.45
C LYS B 124 8.02 27.96 -14.30
N GLU B 125 7.17 28.24 -13.31
CA GLU B 125 7.60 29.07 -12.20
C GLU B 125 7.87 28.32 -10.91
N VAL B 126 8.43 27.12 -11.03
CA VAL B 126 8.73 26.30 -9.86
C VAL B 126 9.75 26.99 -8.96
N GLN B 127 10.50 27.94 -9.51
CA GLN B 127 11.49 28.66 -8.72
C GLN B 127 10.89 29.77 -7.84
N LYS B 128 9.68 30.20 -8.18
CA LYS B 128 8.97 31.24 -7.43
C LYS B 128 8.04 30.60 -6.41
N ASP B 129 7.81 31.26 -5.29
CA ASP B 129 6.91 30.69 -4.29
C ASP B 129 5.48 31.00 -4.68
N LEU B 130 4.54 30.22 -4.15
CA LEU B 130 3.12 30.41 -4.48
C LEU B 130 2.65 31.85 -4.58
N LEU B 131 2.86 32.63 -3.52
CA LEU B 131 2.42 34.02 -3.52
C LEU B 131 2.89 34.79 -4.76
N ASN B 132 4.10 34.49 -5.23
CA ASN B 132 4.64 35.16 -6.41
C ASN B 132 4.49 34.43 -7.73
N THR B 133 3.65 33.40 -7.75
CA THR B 133 3.40 32.65 -8.99
C THR B 133 2.28 33.39 -9.74
N SER B 134 2.44 33.53 -11.04
CA SER B 134 1.43 34.22 -11.86
C SER B 134 0.31 33.25 -12.22
N ARG B 135 -0.83 33.80 -12.63
CA ARG B 135 -1.96 32.97 -13.02
C ARG B 135 -1.52 32.03 -14.13
N LYS B 136 -0.77 32.56 -15.08
CA LYS B 136 -0.27 31.79 -16.21
C LYS B 136 0.63 30.64 -15.75
N GLY B 137 1.58 30.93 -14.86
CA GLY B 137 2.46 29.89 -14.40
C GLY B 137 1.71 28.81 -13.62
N TYR B 138 0.74 29.25 -12.82
CA TYR B 138 -0.07 28.36 -11.99
C TYR B 138 -0.90 27.41 -12.85
N LEU B 139 -1.66 27.96 -13.79
CA LEU B 139 -2.49 27.13 -14.66
C LEU B 139 -1.63 26.22 -15.52
N ASP B 140 -0.38 26.60 -15.77
CA ASP B 140 0.52 25.78 -16.57
C ASP B 140 0.93 24.56 -15.76
N ALA B 141 1.14 24.76 -14.46
CA ALA B 141 1.54 23.67 -13.58
C ALA B 141 0.42 22.63 -13.48
N LEU B 142 -0.81 23.11 -13.34
CA LEU B 142 -1.94 22.20 -13.25
C LEU B 142 -2.28 21.53 -14.56
N SER B 143 -2.10 22.26 -15.66
CA SER B 143 -2.39 21.74 -16.99
C SER B 143 -1.48 20.55 -17.33
N LYS B 144 -0.19 20.74 -17.08
CA LYS B 144 0.81 19.71 -17.34
C LYS B 144 0.85 18.61 -16.30
N SER B 145 0.88 19.01 -15.03
CA SER B 145 1.00 18.08 -13.91
C SER B 145 -0.25 17.40 -13.37
N SER B 146 -1.42 17.98 -13.56
CA SER B 146 -2.64 17.38 -13.04
C SER B 146 -3.66 16.92 -14.08
N TYR B 147 -4.11 17.84 -14.93
CA TYR B 147 -5.10 17.49 -15.94
C TYR B 147 -4.63 16.38 -16.88
N SER B 148 -3.32 16.34 -17.14
CA SER B 148 -2.76 15.34 -18.02
C SER B 148 -3.13 13.93 -17.56
N LEU B 149 -3.37 13.78 -16.27
CA LEU B 149 -3.73 12.47 -15.74
C LEU B 149 -5.16 12.14 -16.12
N ILE B 150 -6.03 13.13 -15.96
CA ILE B 150 -7.44 12.96 -16.29
C ILE B 150 -7.57 12.67 -17.79
N SER B 151 -6.80 13.38 -18.59
CA SER B 151 -6.81 13.20 -20.04
C SER B 151 -6.31 11.82 -20.44
N LEU B 152 -5.16 11.41 -19.93
CA LEU B 152 -4.63 10.09 -20.24
C LEU B 152 -5.72 9.05 -20.00
N CYS B 153 -6.38 9.15 -18.86
CA CYS B 153 -7.44 8.22 -18.50
C CYS B 153 -8.58 8.21 -19.50
N LYS B 154 -9.06 9.40 -19.85
CA LYS B 154 -10.16 9.55 -20.77
C LYS B 154 -9.93 8.86 -22.11
N TYR B 155 -8.70 8.92 -22.60
CA TYR B 155 -8.35 8.31 -23.89
C TYR B 155 -7.88 6.87 -23.82
N PHE B 156 -7.11 6.54 -22.79
CA PHE B 156 -6.59 5.17 -22.66
C PHE B 156 -7.60 4.19 -22.11
N VAL B 157 -8.67 4.68 -21.50
CA VAL B 157 -9.67 3.78 -20.94
C VAL B 157 -10.28 2.90 -22.04
N ASN B 158 -10.32 3.45 -23.26
CA ASN B 158 -10.87 2.73 -24.39
C ASN B 158 -9.96 1.60 -24.85
N ILE B 159 -8.67 1.73 -24.58
CA ILE B 159 -7.71 0.71 -24.98
C ILE B 159 -7.22 -0.13 -23.81
N MET B 160 -7.92 -0.07 -22.68
CA MET B 160 -7.53 -0.85 -21.51
C MET B 160 -8.50 -1.97 -21.18
N LYS B 161 -7.96 -3.12 -20.80
CA LYS B 161 -8.80 -4.26 -20.45
C LYS B 161 -9.44 -4.02 -19.10
N PRO B 162 -10.50 -4.78 -18.77
CA PRO B 162 -11.15 -4.61 -17.47
C PRO B 162 -10.14 -5.05 -16.43
N GLN B 163 -10.28 -4.54 -15.20
CA GLN B 163 -9.37 -4.87 -14.12
C GLN B 163 -7.96 -4.36 -14.35
N SER B 164 -7.83 -3.32 -15.16
CA SER B 164 -6.53 -2.70 -15.43
C SER B 164 -6.19 -1.80 -14.24
N SER B 165 -4.95 -1.33 -14.18
CA SER B 165 -4.53 -0.47 -13.07
C SER B 165 -3.73 0.74 -13.54
N ILE B 166 -3.99 1.87 -12.90
CA ILE B 166 -3.31 3.14 -13.21
C ILE B 166 -2.71 3.77 -11.95
N ILE B 167 -1.51 4.31 -12.06
CA ILE B 167 -0.89 4.97 -10.91
C ILE B 167 -0.22 6.25 -11.36
N SER B 168 0.04 7.13 -10.40
CA SER B 168 0.71 8.39 -10.67
C SER B 168 1.63 8.64 -9.48
N LEU B 169 2.42 9.70 -9.55
CA LEU B 169 3.35 10.05 -8.49
C LEU B 169 3.01 11.39 -7.87
N THR B 170 2.90 11.43 -6.56
CA THR B 170 2.62 12.69 -5.88
C THR B 170 3.69 12.96 -4.83
N TYR B 171 3.58 14.09 -4.13
CA TYR B 171 4.54 14.46 -3.10
C TYR B 171 3.78 15.03 -1.91
N HIS B 172 4.34 14.86 -0.71
CA HIS B 172 3.72 15.32 0.53
C HIS B 172 3.47 16.83 0.62
N ALA B 173 4.17 17.60 -0.21
CA ALA B 173 4.00 19.06 -0.21
C ALA B 173 2.56 19.47 -0.40
N SER B 174 1.73 18.52 -0.83
CA SER B 174 0.30 18.78 -1.06
C SER B 174 -0.46 18.84 0.26
N GLN B 175 -0.03 18.06 1.24
CA GLN B 175 -0.70 18.01 2.55
C GLN B 175 -0.07 18.91 3.61
N LYS B 176 1.25 19.00 3.58
CA LYS B 176 1.99 19.82 4.54
C LYS B 176 2.92 20.74 3.76
N VAL B 177 3.13 21.95 4.27
CA VAL B 177 3.95 22.88 3.54
C VAL B 177 5.46 22.67 3.55
N VAL B 178 6.04 22.66 2.35
CA VAL B 178 7.46 22.56 2.21
C VAL B 178 7.82 23.75 1.33
N PRO B 179 8.49 24.75 1.93
CA PRO B 179 8.87 25.94 1.15
C PRO B 179 9.89 25.52 0.11
N GLY B 180 9.81 26.12 -1.08
CA GLY B 180 10.74 25.77 -2.13
C GLY B 180 10.03 25.02 -3.22
N TYR B 181 8.93 24.37 -2.85
CA TYR B 181 8.13 23.59 -3.78
C TYR B 181 7.06 24.53 -4.34
N GLY B 182 7.49 25.47 -5.17
CA GLY B 182 6.54 26.46 -5.70
C GLY B 182 6.00 26.31 -7.10
N GLY B 183 5.59 27.44 -7.66
CA GLY B 183 5.05 27.47 -9.00
C GLY B 183 3.70 26.80 -9.09
N GLY B 184 3.09 26.54 -7.94
CA GLY B 184 1.80 25.88 -7.94
C GLY B 184 1.94 24.37 -8.04
N MET B 185 3.14 23.85 -7.80
CA MET B 185 3.38 22.41 -7.85
C MET B 185 2.67 21.73 -6.67
N SER B 186 2.70 22.37 -5.51
CA SER B 186 2.02 21.82 -4.33
C SER B 186 0.54 21.79 -4.66
N SER B 187 0.09 22.82 -5.37
CA SER B 187 -1.31 22.92 -5.78
C SER B 187 -1.62 21.78 -6.72
N ALA B 188 -0.76 21.59 -7.71
CA ALA B 188 -0.93 20.52 -8.70
C ALA B 188 -1.06 19.14 -8.05
N LYS B 189 -0.25 18.89 -7.03
CA LYS B 189 -0.29 17.60 -6.32
C LYS B 189 -1.57 17.43 -5.48
N ALA B 190 -2.01 18.50 -4.85
CA ALA B 190 -3.22 18.42 -4.04
C ALA B 190 -4.35 18.05 -4.99
N ALA B 191 -4.39 18.71 -6.15
CA ALA B 191 -5.42 18.44 -7.15
C ALA B 191 -5.36 16.99 -7.63
N LEU B 192 -4.17 16.56 -8.03
CA LEU B 192 -3.94 15.20 -8.52
C LEU B 192 -4.42 14.13 -7.52
N GLU B 193 -4.13 14.35 -6.24
CA GLU B 193 -4.51 13.41 -5.20
C GLU B 193 -6.01 13.35 -5.03
N SER B 194 -6.66 14.50 -5.16
CA SER B 194 -8.10 14.56 -5.02
C SER B 194 -8.75 13.95 -6.26
N ASP B 195 -8.15 14.20 -7.41
CA ASP B 195 -8.67 13.69 -8.66
C ASP B 195 -8.52 12.18 -8.74
N THR B 196 -7.52 11.65 -8.04
CA THR B 196 -7.31 10.21 -8.03
C THR B 196 -8.52 9.54 -7.42
N ARG B 197 -9.05 10.14 -6.35
CA ARG B 197 -10.22 9.62 -5.67
C ARG B 197 -11.45 9.64 -6.56
N VAL B 198 -11.74 10.80 -7.15
CA VAL B 198 -12.90 10.95 -8.02
C VAL B 198 -12.82 10.03 -9.22
N LEU B 199 -11.65 9.97 -9.86
CA LEU B 199 -11.48 9.10 -11.01
C LEU B 199 -11.62 7.65 -10.56
N ALA B 200 -11.22 7.37 -9.33
CA ALA B 200 -11.32 6.01 -8.81
C ALA B 200 -12.77 5.55 -8.77
N TYR B 201 -13.66 6.52 -8.57
CA TYR B 201 -15.09 6.23 -8.53
C TYR B 201 -15.62 5.96 -9.93
N HIS B 202 -15.38 6.90 -10.84
CA HIS B 202 -15.84 6.78 -12.23
C HIS B 202 -15.23 5.59 -12.96
N LEU B 203 -13.92 5.40 -12.83
CA LEU B 203 -13.25 4.29 -13.51
C LEU B 203 -13.61 2.93 -12.91
N GLY B 204 -13.86 2.92 -11.61
CA GLY B 204 -14.21 1.67 -10.95
C GLY B 204 -15.62 1.23 -11.23
N ARG B 205 -16.54 2.19 -11.27
CA ARG B 205 -17.94 1.89 -11.52
C ARG B 205 -18.26 1.55 -12.97
N ASN B 206 -17.63 2.25 -13.90
CA ASN B 206 -17.90 2.04 -15.32
C ASN B 206 -16.98 1.08 -16.06
N TYR B 207 -15.71 1.06 -15.72
CA TYR B 207 -14.76 0.18 -16.41
C TYR B 207 -14.14 -0.86 -15.52
N ASN B 208 -14.48 -0.83 -14.24
CA ASN B 208 -13.92 -1.80 -13.31
C ASN B 208 -12.38 -1.70 -13.39
N ILE B 209 -11.90 -0.45 -13.42
CA ILE B 209 -10.47 -0.16 -13.49
C ILE B 209 -10.06 0.56 -12.20
N ARG B 210 -8.81 0.35 -11.79
CA ARG B 210 -8.32 0.98 -10.57
C ARG B 210 -7.30 2.07 -10.81
N ILE B 211 -7.21 3.02 -9.88
CA ILE B 211 -6.23 4.10 -9.97
C ILE B 211 -5.81 4.53 -8.56
N ASN B 212 -4.50 4.57 -8.34
CA ASN B 212 -3.94 4.95 -7.05
C ASN B 212 -2.77 5.90 -7.31
N THR B 213 -2.28 6.55 -6.26
CA THR B 213 -1.17 7.46 -6.42
C THR B 213 -0.09 7.18 -5.37
N ILE B 214 1.16 7.16 -5.80
CA ILE B 214 2.27 6.92 -4.87
C ILE B 214 2.89 8.24 -4.46
N SER B 215 2.98 8.47 -3.15
CA SER B 215 3.58 9.68 -2.62
C SER B 215 5.01 9.30 -2.25
N ALA B 216 5.94 9.59 -3.15
CA ALA B 216 7.34 9.24 -2.95
C ALA B 216 8.21 10.21 -2.13
N GLY B 217 9.33 9.69 -1.65
CA GLY B 217 10.26 10.51 -0.89
C GLY B 217 11.14 11.25 -1.86
N PRO B 218 12.23 11.89 -1.40
CA PRO B 218 13.14 12.66 -2.25
C PRO B 218 14.08 11.80 -3.09
N LEU B 219 14.18 12.14 -4.36
CA LEU B 219 15.05 11.43 -5.29
C LEU B 219 15.71 12.51 -6.15
N LYS B 220 17.04 12.49 -6.23
CA LYS B 220 17.78 13.49 -7.01
C LYS B 220 17.60 13.26 -8.52
N SER B 221 16.43 13.60 -9.02
CA SER B 221 16.12 13.44 -10.43
C SER B 221 16.41 14.74 -11.16
N ARG B 222 16.42 14.66 -12.49
CA ARG B 222 16.68 15.82 -13.31
C ARG B 222 15.77 16.98 -12.94
N ALA B 223 14.47 16.72 -12.88
CA ALA B 223 13.49 17.74 -12.54
C ALA B 223 13.53 18.18 -11.08
N ALA B 224 14.12 17.35 -10.23
CA ALA B 224 14.23 17.66 -8.81
C ALA B 224 15.27 18.75 -8.60
N THR B 225 16.26 18.74 -9.49
CA THR B 225 17.34 19.71 -9.44
C THR B 225 16.87 21.05 -10.00
N ALA B 226 15.78 21.02 -10.76
CA ALA B 226 15.24 22.25 -11.33
C ALA B 226 14.74 23.16 -10.21
N ILE B 227 14.20 22.56 -9.16
CA ILE B 227 13.68 23.29 -8.00
C ILE B 227 14.78 24.07 -7.29
N ASN B 228 15.16 25.21 -7.86
CA ASN B 228 16.20 26.05 -7.28
C ASN B 228 15.67 26.79 -6.05
N LYS B 229 15.94 26.22 -4.88
CA LYS B 229 15.51 26.80 -3.60
C LYS B 229 16.33 26.18 -2.46
N TYR C 1 -30.55 -6.72 10.73
CA TYR C 1 -29.97 -8.10 10.63
C TYR C 1 -28.45 -8.11 10.87
N THR C 2 -28.05 -7.80 12.10
CA THR C 2 -26.66 -7.75 12.53
C THR C 2 -25.78 -6.76 11.78
N PHE C 3 -25.00 -6.01 12.56
CA PHE C 3 -24.09 -4.98 12.05
C PHE C 3 -23.30 -5.33 10.80
N ILE C 4 -22.69 -6.52 10.80
CA ILE C 4 -21.88 -6.96 9.68
C ILE C 4 -22.61 -7.14 8.35
N ASP C 5 -23.85 -7.61 8.39
CA ASP C 5 -24.60 -7.79 7.15
C ASP C 5 -24.93 -6.46 6.49
N TYR C 6 -25.22 -5.46 7.30
CA TYR C 6 -25.52 -4.14 6.76
C TYR C 6 -24.28 -3.56 6.10
N ALA C 7 -23.18 -3.53 6.84
CA ALA C 7 -21.92 -2.98 6.35
C ALA C 7 -21.48 -3.64 5.04
N ILE C 8 -21.67 -4.95 4.95
CA ILE C 8 -21.29 -5.67 3.74
C ILE C 8 -22.20 -5.38 2.56
N GLU C 9 -23.50 -5.27 2.81
CA GLU C 9 -24.42 -4.98 1.72
C GLU C 9 -24.12 -3.59 1.20
N TYR C 10 -23.85 -2.67 2.12
CA TYR C 10 -23.54 -1.29 1.80
C TYR C 10 -22.25 -1.20 0.98
N SER C 11 -21.23 -1.89 1.45
CA SER C 11 -19.94 -1.90 0.78
C SER C 11 -20.05 -2.36 -0.67
N GLU C 12 -20.81 -3.42 -0.90
CA GLU C 12 -20.96 -3.96 -2.24
C GLU C 12 -21.82 -3.13 -3.18
N LYS C 13 -22.62 -2.23 -2.62
CA LYS C 13 -23.46 -1.38 -3.47
C LYS C 13 -22.85 0.00 -3.74
N TYR C 14 -22.15 0.57 -2.77
CA TYR C 14 -21.59 1.91 -2.95
C TYR C 14 -20.09 2.03 -3.20
N ALA C 15 -19.34 0.98 -2.92
CA ALA C 15 -17.89 1.02 -3.13
C ALA C 15 -17.57 1.17 -4.62
N PRO C 16 -16.54 1.97 -4.95
CA PRO C 16 -16.09 2.22 -6.32
C PRO C 16 -15.93 0.92 -7.11
N LEU C 17 -15.46 -0.11 -6.42
CA LEU C 17 -15.25 -1.42 -7.02
C LEU C 17 -16.35 -2.36 -6.53
N ARG C 18 -17.25 -2.73 -7.43
CA ARG C 18 -18.37 -3.60 -7.08
C ARG C 18 -18.02 -5.06 -7.20
N GLN C 19 -17.22 -5.56 -6.26
CA GLN C 19 -16.82 -6.96 -6.27
C GLN C 19 -16.78 -7.44 -4.83
N LYS C 20 -16.79 -8.75 -4.64
CA LYS C 20 -16.76 -9.29 -3.29
C LYS C 20 -15.38 -9.17 -2.68
N LEU C 21 -15.35 -8.70 -1.44
CA LEU C 21 -14.09 -8.55 -0.73
C LEU C 21 -13.76 -9.88 -0.08
N LEU C 22 -12.75 -10.56 -0.58
CA LEU C 22 -12.35 -11.85 -0.03
C LEU C 22 -11.24 -11.69 1.01
N SER C 23 -11.13 -12.64 1.92
CA SER C 23 -10.11 -12.58 2.94
C SER C 23 -8.74 -12.64 2.29
N THR C 24 -8.66 -13.24 1.11
CA THR C 24 -7.39 -13.35 0.40
C THR C 24 -7.01 -12.03 -0.28
N ASP C 25 -7.97 -11.12 -0.41
CA ASP C 25 -7.67 -9.82 -0.98
C ASP C 25 -6.83 -9.11 0.07
N ILE C 26 -7.23 -9.24 1.34
CA ILE C 26 -6.48 -8.63 2.41
C ILE C 26 -5.17 -9.42 2.55
N GLY C 27 -5.26 -10.73 2.32
CA GLY C 27 -4.10 -11.58 2.43
C GLY C 27 -2.97 -11.26 1.48
N SER C 28 -3.31 -10.95 0.23
CA SER C 28 -2.30 -10.63 -0.76
C SER C 28 -1.58 -9.33 -0.44
N VAL C 29 -2.31 -8.37 0.12
CA VAL C 29 -1.71 -7.10 0.49
C VAL C 29 -0.82 -7.30 1.71
N ALA C 30 -1.31 -8.10 2.65
CA ALA C 30 -0.53 -8.39 3.86
C ALA C 30 0.78 -9.02 3.41
N SER C 31 0.67 -9.98 2.49
CA SER C 31 1.81 -10.69 1.96
C SER C 31 2.86 -9.73 1.41
N PHE C 32 2.40 -8.74 0.67
CA PHE C 32 3.29 -7.74 0.08
C PHE C 32 3.99 -6.88 1.13
N LEU C 33 3.22 -6.40 2.10
CA LEU C 33 3.78 -5.57 3.17
C LEU C 33 4.78 -6.30 4.04
N LEU C 34 4.62 -7.62 4.16
CA LEU C 34 5.51 -8.42 4.97
C LEU C 34 6.79 -8.79 4.22
N SER C 35 6.77 -8.64 2.90
CA SER C 35 7.93 -8.96 2.08
C SER C 35 8.85 -7.76 1.95
N ARG C 36 10.05 -8.01 1.45
CA ARG C 36 11.06 -6.99 1.27
C ARG C 36 10.73 -6.04 0.14
N GLU C 37 9.70 -6.39 -0.64
CA GLU C 37 9.26 -5.57 -1.77
C GLU C 37 8.77 -4.21 -1.29
N SER C 38 8.35 -4.14 -0.04
CA SER C 38 7.83 -2.91 0.54
C SER C 38 8.76 -2.33 1.60
N ARG C 39 10.07 -2.45 1.37
CA ARG C 39 11.05 -1.95 2.31
C ARG C 39 10.96 -0.46 2.64
N ALA C 40 10.38 0.33 1.75
CA ALA C 40 10.29 1.78 2.00
C ALA C 40 8.97 2.21 2.65
N ILE C 41 8.16 1.25 3.08
CA ILE C 41 6.87 1.56 3.70
C ILE C 41 6.83 1.17 5.17
N THR C 42 6.49 2.13 6.03
CA THR C 42 6.39 1.85 7.44
C THR C 42 5.52 2.89 8.15
N GLY C 43 4.83 2.45 9.20
CA GLY C 43 3.96 3.33 9.96
C GLY C 43 2.68 3.75 9.22
N GLN C 44 2.33 3.04 8.15
CA GLN C 44 1.14 3.41 7.38
C GLN C 44 -0.11 2.57 7.66
N THR C 45 -1.25 3.15 7.31
CA THR C 45 -2.54 2.49 7.42
C THR C 45 -2.96 2.34 5.95
N ILE C 46 -2.86 1.12 5.42
CA ILE C 46 -3.23 0.88 4.03
C ILE C 46 -4.68 0.38 3.98
N TYR C 47 -5.48 0.99 3.12
CA TYR C 47 -6.87 0.60 3.00
C TYR C 47 -7.12 -0.45 1.93
N VAL C 48 -7.62 -1.61 2.35
CA VAL C 48 -7.93 -2.69 1.45
C VAL C 48 -9.43 -2.89 1.64
N ASP C 49 -10.21 -2.06 0.96
CA ASP C 49 -11.67 -2.06 1.12
C ASP C 49 -12.42 -1.74 -0.18
N ASN C 50 -11.85 -2.07 -1.33
CA ASN C 50 -12.50 -1.76 -2.62
C ASN C 50 -12.75 -0.25 -2.77
N GLY C 51 -12.07 0.55 -1.94
CA GLY C 51 -12.19 1.99 -1.99
C GLY C 51 -13.39 2.65 -1.34
N LEU C 52 -14.16 1.92 -0.54
CA LEU C 52 -15.34 2.52 0.09
C LEU C 52 -15.00 3.79 0.87
N ASN C 53 -13.85 3.79 1.52
CA ASN C 53 -13.40 4.89 2.36
C ASN C 53 -13.28 6.27 1.68
N ILE C 54 -13.22 6.29 0.35
CA ILE C 54 -13.11 7.57 -0.34
C ILE C 54 -14.47 8.22 -0.55
N MET C 55 -15.53 7.43 -0.45
CA MET C 55 -16.88 7.94 -0.67
C MET C 55 -17.39 8.84 0.45
N PHE C 56 -18.18 9.84 0.08
CA PHE C 56 -18.79 10.74 1.03
C PHE C 56 -20.28 10.56 0.93
N LEU C 57 -20.85 10.96 -0.21
CA LEU C 57 -22.27 10.84 -0.45
C LEU C 57 -22.53 9.68 -1.41
N PRO C 58 -23.44 8.76 -1.04
CA PRO C 58 -23.78 7.62 -1.89
C PRO C 58 -24.70 8.03 -3.05
N ASP C 59 -24.73 7.20 -4.09
CA ASP C 59 -25.55 7.44 -5.28
C ASP C 59 -27.04 7.34 -4.94
N ASP C 60 -27.44 6.20 -4.38
CA ASP C 60 -28.83 5.97 -4.00
C ASP C 60 -29.04 6.53 -2.60
N TYR D 1 22.27 25.08 -1.83
CA TYR D 1 22.57 23.89 -2.66
C TYR D 1 21.30 23.17 -3.08
N THR D 2 20.33 23.94 -3.58
CA THR D 2 19.04 23.43 -4.02
C THR D 2 18.22 22.65 -2.99
N PHE D 3 16.91 22.74 -3.16
CA PHE D 3 15.94 22.09 -2.29
C PHE D 3 16.13 20.58 -2.14
N ILE D 4 16.38 19.91 -3.26
CA ILE D 4 16.54 18.46 -3.28
C ILE D 4 17.57 17.88 -2.31
N ASP D 5 18.77 18.45 -2.27
CA ASP D 5 19.81 17.94 -1.37
C ASP D 5 19.44 18.06 0.10
N TYR D 6 18.71 19.11 0.44
CA TYR D 6 18.27 19.31 1.81
C TYR D 6 17.24 18.24 2.13
N ALA D 7 16.26 18.08 1.24
CA ALA D 7 15.20 17.09 1.41
C ALA D 7 15.76 15.67 1.56
N ILE D 8 16.73 15.32 0.72
CA ILE D 8 17.34 14.00 0.79
C ILE D 8 18.07 13.83 2.13
N GLU D 9 18.88 14.82 2.47
CA GLU D 9 19.64 14.76 3.71
C GLU D 9 18.73 14.71 4.93
N TYR D 10 17.63 15.45 4.87
CA TYR D 10 16.68 15.50 5.96
C TYR D 10 15.98 14.16 6.12
N SER D 11 15.62 13.54 5.01
CA SER D 11 14.95 12.24 5.03
C SER D 11 15.85 11.16 5.63
N GLU D 12 17.07 11.08 5.12
CA GLU D 12 18.02 10.07 5.58
C GLU D 12 18.44 10.21 7.04
N LYS D 13 18.17 11.37 7.63
CA LYS D 13 18.53 11.60 9.03
C LYS D 13 17.37 11.50 10.00
N TYR D 14 16.17 11.83 9.54
CA TYR D 14 15.02 11.82 10.43
C TYR D 14 13.92 10.80 10.18
N ALA D 15 13.95 10.11 9.05
CA ALA D 15 12.92 9.12 8.76
C ALA D 15 13.06 7.93 9.70
N PRO D 16 11.96 7.19 9.92
CA PRO D 16 11.98 6.01 10.81
C PRO D 16 12.97 4.97 10.31
N LEU D 17 13.13 4.90 8.99
CA LEU D 17 14.06 3.97 8.36
C LEU D 17 15.16 4.82 7.73
N ARG D 18 16.37 4.74 8.29
CA ARG D 18 17.49 5.49 7.76
C ARG D 18 18.27 4.68 6.73
N GLN D 19 17.90 4.85 5.48
CA GLN D 19 18.54 4.15 4.37
C GLN D 19 18.26 5.00 3.15
N LYS D 20 19.09 4.90 2.13
CA LYS D 20 18.86 5.70 0.93
C LYS D 20 17.61 5.19 0.21
N LEU D 21 16.79 6.13 -0.24
CA LEU D 21 15.56 5.80 -0.96
C LEU D 21 15.90 5.70 -2.44
N LEU D 22 15.70 4.52 -3.00
CA LEU D 22 15.99 4.25 -4.41
C LEU D 22 14.75 4.34 -5.28
N SER D 23 14.96 4.61 -6.57
CA SER D 23 13.83 4.68 -7.50
C SER D 23 13.16 3.31 -7.59
N THR D 24 13.95 2.25 -7.41
CA THR D 24 13.38 0.91 -7.46
C THR D 24 12.56 0.61 -6.22
N ASP D 25 12.75 1.38 -5.15
CA ASP D 25 11.96 1.17 -3.94
C ASP D 25 10.52 1.54 -4.28
N ILE D 26 10.35 2.61 -5.05
CA ILE D 26 9.03 3.05 -5.49
C ILE D 26 8.60 2.10 -6.60
N GLY D 27 9.57 1.68 -7.41
CA GLY D 27 9.28 0.77 -8.50
C GLY D 27 8.58 -0.52 -8.10
N SER D 28 9.07 -1.21 -7.09
CA SER D 28 8.44 -2.46 -6.65
C SER D 28 7.03 -2.23 -6.08
N VAL D 29 6.85 -1.11 -5.39
CA VAL D 29 5.55 -0.78 -4.83
C VAL D 29 4.60 -0.49 -5.99
N ALA D 30 5.09 0.22 -7.01
CA ALA D 30 4.28 0.55 -8.18
C ALA D 30 3.89 -0.75 -8.86
N SER D 31 4.86 -1.64 -8.96
CA SER D 31 4.67 -2.95 -9.58
C SER D 31 3.54 -3.70 -8.87
N PHE D 32 3.51 -3.63 -7.54
CA PHE D 32 2.47 -4.29 -6.77
C PHE D 32 1.09 -3.67 -7.02
N LEU D 33 1.05 -2.34 -7.04
CA LEU D 33 -0.21 -1.63 -7.26
C LEU D 33 -0.77 -1.85 -8.67
N LEU D 34 0.09 -2.18 -9.61
CA LEU D 34 -0.34 -2.41 -10.98
C LEU D 34 -0.76 -3.86 -11.24
N SER D 35 -0.38 -4.77 -10.35
CA SER D 35 -0.73 -6.19 -10.50
C SER D 35 -2.06 -6.50 -9.83
N ARG D 36 -2.62 -7.67 -10.15
CA ARG D 36 -3.90 -8.10 -9.61
C ARG D 36 -3.83 -8.39 -8.11
N GLU D 37 -2.62 -8.36 -7.58
CA GLU D 37 -2.40 -8.62 -6.16
C GLU D 37 -3.11 -7.55 -5.33
N SER D 38 -3.34 -6.38 -5.92
CA SER D 38 -3.98 -5.28 -5.21
C SER D 38 -5.37 -4.94 -5.73
N ARG D 39 -6.08 -5.94 -6.26
CA ARG D 39 -7.42 -5.74 -6.81
C ARG D 39 -8.38 -4.98 -5.90
N ALA D 40 -8.13 -5.02 -4.58
CA ALA D 40 -9.02 -4.35 -3.64
C ALA D 40 -8.60 -2.94 -3.20
N ILE D 41 -7.55 -2.41 -3.82
CA ILE D 41 -7.06 -1.07 -3.47
C ILE D 41 -7.25 -0.08 -4.63
N THR D 42 -7.98 1.00 -4.38
CA THR D 42 -8.20 1.99 -5.44
C THR D 42 -8.49 3.35 -4.81
N GLY D 43 -8.08 4.42 -5.50
CA GLY D 43 -8.31 5.77 -5.00
C GLY D 43 -7.43 6.18 -3.84
N GLN D 44 -6.39 5.41 -3.57
CA GLN D 44 -5.50 5.68 -2.46
C GLN D 44 -4.22 6.44 -2.77
N THR D 45 -3.69 7.08 -1.72
CA THR D 45 -2.42 7.79 -1.78
C THR D 45 -1.54 6.93 -0.90
N ILE D 46 -0.62 6.18 -1.53
CA ILE D 46 0.27 5.31 -0.78
C ILE D 46 1.63 5.99 -0.62
N TYR D 47 2.07 6.10 0.63
CA TYR D 47 3.34 6.73 0.94
C TYR D 47 4.50 5.74 0.93
N VAL D 48 5.50 6.03 0.10
CA VAL D 48 6.71 5.21 -0.01
C VAL D 48 7.82 6.24 0.22
N ASP D 49 8.10 6.50 1.49
CA ASP D 49 9.08 7.51 1.87
C ASP D 49 9.81 7.16 3.16
N ASN D 50 10.10 5.88 3.34
CA ASN D 50 10.78 5.42 4.55
C ASN D 50 10.07 5.92 5.80
N GLY D 51 8.80 6.26 5.65
CA GLY D 51 7.99 6.73 6.76
C GLY D 51 8.18 8.14 7.28
N LEU D 52 8.92 8.96 6.55
CA LEU D 52 9.15 10.34 6.99
C LEU D 52 7.87 11.12 7.31
N ASN D 53 6.82 10.89 6.53
CA ASN D 53 5.56 11.60 6.70
C ASN D 53 4.91 11.47 8.07
N ILE D 54 5.21 10.40 8.79
CA ILE D 54 4.62 10.19 10.11
C ILE D 54 5.27 11.03 11.20
N MET D 55 6.39 11.67 10.87
CA MET D 55 7.10 12.50 11.85
C MET D 55 6.55 13.92 11.93
N PHE D 56 6.61 14.49 13.12
CA PHE D 56 6.15 15.85 13.38
C PHE D 56 7.36 16.65 13.84
N LEU D 57 8.00 16.20 14.92
CA LEU D 57 9.17 16.87 15.46
C LEU D 57 10.43 16.05 15.21
N PRO D 58 11.45 16.67 14.57
CA PRO D 58 12.70 15.94 14.31
C PRO D 58 13.35 15.60 15.65
N ASP D 59 14.38 14.76 15.61
CA ASP D 59 15.07 14.35 16.82
C ASP D 59 15.94 15.46 17.41
N ASP D 60 17.19 15.52 16.98
CA ASP D 60 18.10 16.55 17.48
C ASP D 60 17.47 17.92 17.29
#